data_4IFG
#
_entry.id   4IFG
#
_cell.length_a   48.397
_cell.length_b   72.778
_cell.length_c   67.085
_cell.angle_alpha   90.000
_cell.angle_beta   101.660
_cell.angle_gamma   90.000
#
_symmetry.space_group_name_H-M   'P 1 21 1'
#
loop_
_entity.id
_entity.type
_entity.pdbx_description
1 polymer 'Calmodulin-domain protein kinase 1'
2 non-polymer 1-{(3R)-3-[4-amino-3-(4-phenoxyphenyl)-1H-pyrazolo[3,4-d]pyrimidin-1-yl]piperidin-1-yl}prop-2-en-1-one
3 non-polymer 'UNKNOWN ATOM OR ION'
4 water water
#
_entity_poly.entity_id   1
_entity_poly.type   'polypeptide(L)'
_entity_poly.pdbx_seq_one_letter_code
;MGQQESTLGGAAGEPRSRGHAAGTSGGPGDHLHATPGMFVQHSTAIFSDRYKGQRVLGKGSFGEVILCKDKITGQECAVK
VISKRQVKQKTDKESLLREVQLLKQLDHPNIMKLYEFFEDKGYFYLVGEVYTGGELFDEIISRKRFSEVDAARIIRQVLS
GITYMHKNKIVHRDLKPENLLLESKSKDANIRIIDFGLSTHFEASKKMKDKIGTAYYIAPEVLHGTYDEKCDVWSTGVIL
YILLSGCPPFNGANEYDILKKVEKGKYTFELPQWKKVSESAKDLIRKMLTYVPSMRISARDALDHEWIQTYTKEQISVDV
PSLDNAILNIRQFQGTQKLAQAALLYMGSKLTSQDETKELTAIFHKMDKNGDGQLDRAELIEGYKELMRMKGQDASMLDA
SAVEHEVDQVLDAVDFDKNGYIEYSEFVTVAMDRKTLLSRERLERAFRMFDSDNSGKISSTELATIFGVSDVDSETWKSV
LSEVDKNNDGEVDFDEFQQMLLKLCGN
;
_entity_poly.pdbx_strand_id   A
#
# COMPACT_ATOMS: atom_id res chain seq x y z
N THR A 44 1.02 27.29 -18.71
CA THR A 44 1.15 26.08 -17.86
C THR A 44 -0.19 25.77 -17.17
N ALA A 45 -0.47 24.47 -17.01
CA ALA A 45 -1.75 24.02 -16.46
C ALA A 45 -1.65 23.68 -14.97
N ILE A 46 -2.70 24.06 -14.24
CA ILE A 46 -2.80 23.78 -12.80
C ILE A 46 -3.79 22.64 -12.61
N PHE A 47 -3.45 21.72 -11.72
CA PHE A 47 -4.24 20.52 -11.51
C PHE A 47 -5.64 20.83 -10.93
N SER A 48 -5.71 21.79 -10.03
CA SER A 48 -6.98 22.11 -9.36
C SER A 48 -7.89 22.97 -10.25
N ASP A 49 -7.35 23.50 -11.34
CA ASP A 49 -8.13 24.20 -12.36
C ASP A 49 -8.95 23.21 -13.19
N ARG A 50 -8.52 21.96 -13.20
CA ARG A 50 -9.14 20.93 -14.04
C ARG A 50 -9.88 19.87 -13.24
N TYR A 51 -9.36 19.52 -12.05
CA TYR A 51 -9.92 18.40 -11.28
C TYR A 51 -10.39 18.81 -9.90
N LYS A 52 -11.39 18.10 -9.39
CA LYS A 52 -11.82 18.26 -8.01
C LYS A 52 -11.78 16.90 -7.28
N GLY A 53 -11.37 16.93 -6.02
CA GLY A 53 -11.32 15.73 -5.19
C GLY A 53 -12.71 15.22 -4.80
N GLN A 54 -12.89 13.91 -4.86
CA GLN A 54 -14.12 13.25 -4.44
C GLN A 54 -13.90 12.48 -3.14
N ARG A 55 -13.21 11.35 -3.26
CA ARG A 55 -12.83 10.50 -2.13
C ARG A 55 -11.33 10.35 -2.09
N VAL A 56 -10.80 10.08 -0.89
CA VAL A 56 -9.42 9.64 -0.72
C VAL A 56 -9.44 8.12 -0.84
N LEU A 57 -8.66 7.56 -1.77
CA LEU A 57 -8.67 6.12 -2.02
C LEU A 57 -7.70 5.35 -1.12
N GLY A 58 -6.62 6.02 -0.72
CA GLY A 58 -5.66 5.43 0.21
C GLY A 58 -4.23 5.85 -0.04
N LYS A 59 -3.34 5.33 0.80
CA LYS A 59 -1.92 5.51 0.67
C LYS A 59 -1.37 4.44 -0.28
N GLY A 60 -0.63 4.88 -1.30
CA GLY A 60 0.09 3.95 -2.14
C GLY A 60 1.55 4.34 -2.10
N SER A 61 2.39 3.61 -2.83
CA SER A 61 3.82 3.94 -2.90
C SER A 61 4.01 5.36 -3.39
N PHE A 62 4.90 6.08 -2.70
CA PHE A 62 5.28 7.47 -3.00
C PHE A 62 4.19 8.52 -2.81
N GLY A 63 2.96 8.11 -2.52
CA GLY A 63 1.91 9.10 -2.31
C GLY A 63 0.49 8.62 -2.06
N GLU A 64 -0.36 9.59 -1.74
CA GLU A 64 -1.77 9.38 -1.51
C GLU A 64 -2.51 9.38 -2.83
N VAL A 65 -3.54 8.56 -2.93
CA VAL A 65 -4.35 8.48 -4.13
C VAL A 65 -5.76 9.01 -3.88
N ILE A 66 -6.18 9.94 -4.74
CA ILE A 66 -7.49 10.61 -4.67
C ILE A 66 -8.36 10.27 -5.89
N LEU A 67 -9.62 9.89 -5.64
CA LEU A 67 -10.62 9.85 -6.71
C LEU A 67 -10.98 11.29 -7.05
N CYS A 68 -10.73 11.67 -8.30
CA CYS A 68 -11.00 13.02 -8.76
C CYS A 68 -11.93 13.01 -9.96
N LYS A 69 -12.47 14.18 -10.24
CA LYS A 69 -13.45 14.32 -11.29
C LYS A 69 -13.10 15.56 -12.09
N ASP A 70 -13.13 15.42 -13.42
CA ASP A 70 -12.90 16.54 -14.33
C ASP A 70 -14.00 17.60 -14.14
N LYS A 71 -13.61 18.86 -14.04
CA LYS A 71 -14.56 19.95 -13.76
C LYS A 71 -15.45 20.33 -14.96
N ILE A 72 -15.01 19.99 -16.17
CA ILE A 72 -15.82 20.22 -17.35
C ILE A 72 -16.60 18.97 -17.74
N THR A 73 -15.89 17.87 -17.97
CA THR A 73 -16.48 16.68 -18.59
C THR A 73 -17.13 15.71 -17.61
N GLY A 74 -16.81 15.84 -16.33
CA GLY A 74 -17.29 14.89 -15.30
C GLY A 74 -16.58 13.54 -15.32
N GLN A 75 -15.48 13.45 -16.06
CA GLN A 75 -14.65 12.24 -16.14
C GLN A 75 -14.00 11.94 -14.78
N GLU A 76 -14.29 10.77 -14.21
CA GLU A 76 -13.67 10.31 -12.97
C GLU A 76 -12.26 9.76 -13.22
N CYS A 77 -11.33 10.07 -12.31
CA CYS A 77 -9.96 9.59 -12.41
CA CYS A 77 -9.93 9.67 -12.41
C CYS A 77 -9.32 9.35 -11.04
N ALA A 78 -8.30 8.51 -11.02
CA ALA A 78 -7.52 8.26 -9.81
C ALA A 78 -6.20 9.03 -9.90
N VAL A 79 -5.89 9.83 -8.88
CA VAL A 79 -4.73 10.70 -8.93
C VAL A 79 -3.78 10.33 -7.80
N LYS A 80 -2.54 10.01 -8.17
CA LYS A 80 -1.47 9.82 -7.19
C LYS A 80 -0.80 11.17 -6.99
N VAL A 81 -0.75 11.62 -5.75
CA VAL A 81 -0.16 12.91 -5.40
C VAL A 81 1.18 12.65 -4.68
N ILE A 82 2.27 13.10 -5.28
CA ILE A 82 3.61 12.87 -4.72
C ILE A 82 4.19 14.18 -4.18
N SER A 83 4.44 14.19 -2.87
CA SER A 83 4.99 15.35 -2.16
C SER A 83 6.49 15.48 -2.40
N LYS A 84 6.90 16.59 -3.00
CA LYS A 84 8.32 16.82 -3.27
C LYS A 84 9.15 16.91 -2.00
N ARG A 85 8.49 17.23 -0.89
CA ARG A 85 9.12 17.24 0.42
C ARG A 85 9.44 15.83 0.90
N GLN A 86 8.46 14.94 0.85
CA GLN A 86 8.60 13.59 1.40
C GLN A 86 9.40 12.62 0.56
N VAL A 87 9.66 12.98 -0.71
CA VAL A 87 10.23 12.03 -1.66
C VAL A 87 11.36 12.68 -2.45
N LYS A 88 12.53 12.05 -2.43
CA LYS A 88 13.66 12.52 -3.22
C LYS A 88 13.67 11.93 -4.63
N GLN A 89 13.90 12.80 -5.62
CA GLN A 89 14.07 12.39 -7.02
C GLN A 89 15.44 11.76 -7.25
N LYS A 90 15.49 10.77 -8.14
CA LYS A 90 16.73 10.09 -8.50
C LYS A 90 17.28 10.60 -9.83
N THR A 91 16.40 11.19 -10.64
CA THR A 91 16.75 11.68 -11.97
C THR A 91 16.47 13.18 -12.08
N ASP A 92 16.95 13.79 -13.16
CA ASP A 92 16.66 15.20 -13.43
C ASP A 92 15.24 15.39 -13.95
N LYS A 93 14.75 16.63 -13.93
CA LYS A 93 13.42 16.96 -14.45
C LYS A 93 13.21 16.54 -15.91
N GLU A 94 14.20 16.78 -16.76
CA GLU A 94 14.08 16.45 -18.19
C GLU A 94 13.78 14.97 -18.43
N SER A 95 14.47 14.10 -17.68
CA SER A 95 14.32 12.65 -17.80
C SER A 95 12.95 12.17 -17.31
N LEU A 96 12.44 12.79 -16.26
CA LEU A 96 11.12 12.45 -15.73
C LEU A 96 10.03 12.83 -16.72
N LEU A 97 10.06 14.07 -17.19
CA LEU A 97 9.13 14.55 -18.21
C LEU A 97 9.10 13.63 -19.43
N ARG A 98 10.27 13.17 -19.84
CA ARG A 98 10.39 12.27 -21.00
C ARG A 98 9.74 10.92 -20.72
N GLU A 99 9.92 10.42 -19.50
CA GLU A 99 9.28 9.17 -19.10
C GLU A 99 7.75 9.31 -19.09
N VAL A 100 7.28 10.43 -18.55
CA VAL A 100 5.86 10.76 -18.45
C VAL A 100 5.21 10.74 -19.84
N GLN A 101 5.86 11.41 -20.78
CA GLN A 101 5.41 11.47 -22.17
C GLN A 101 5.24 10.08 -22.81
N LEU A 102 6.19 9.19 -22.54
CA LEU A 102 6.15 7.84 -23.06
C LEU A 102 5.03 7.05 -22.40
N LEU A 103 4.96 7.11 -21.08
CA LEU A 103 3.90 6.44 -20.31
C LEU A 103 2.50 6.78 -20.82
N LYS A 104 2.26 8.05 -21.13
CA LYS A 104 1.00 8.52 -21.70
C LYS A 104 0.64 7.88 -23.04
N GLN A 105 1.65 7.46 -23.80
CA GLN A 105 1.41 6.86 -25.11
C GLN A 105 1.27 5.35 -25.05
N LEU A 106 1.69 4.74 -23.95
CA LEU A 106 1.67 3.28 -23.86
C LEU A 106 0.27 2.79 -23.54
N ASP A 107 -0.02 1.59 -24.05
CA ASP A 107 -1.32 0.99 -23.87
CA ASP A 107 -1.34 0.98 -23.90
C ASP A 107 -1.21 -0.53 -23.80
N HIS A 108 -1.71 -1.09 -22.71
CA HIS A 108 -1.76 -2.52 -22.53
C HIS A 108 -2.88 -2.84 -21.55
N PRO A 109 -3.65 -3.92 -21.82
CA PRO A 109 -4.79 -4.25 -20.95
C PRO A 109 -4.45 -4.62 -19.50
N ASN A 110 -3.18 -4.86 -19.20
CA ASN A 110 -2.78 -5.26 -17.84
C ASN A 110 -1.91 -4.21 -17.13
N ILE A 111 -1.92 -2.99 -17.65
CA ILE A 111 -1.12 -1.89 -17.15
C ILE A 111 -2.05 -0.70 -16.95
N MET A 112 -1.98 -0.10 -15.77
CA MET A 112 -2.75 1.10 -15.52
C MET A 112 -2.47 2.19 -16.54
N LYS A 113 -3.53 2.74 -17.10
CA LYS A 113 -3.45 3.78 -18.11
C LYS A 113 -3.28 5.16 -17.45
N LEU A 114 -2.23 5.88 -17.86
CA LEU A 114 -1.97 7.24 -17.41
C LEU A 114 -2.52 8.26 -18.42
N TYR A 115 -3.29 9.23 -17.94
CA TYR A 115 -3.89 10.25 -18.79
C TYR A 115 -3.07 11.54 -18.80
N GLU A 116 -2.73 12.03 -17.61
CA GLU A 116 -2.17 13.37 -17.48
C GLU A 116 -1.10 13.41 -16.40
N PHE A 117 -0.30 14.46 -16.44
CA PHE A 117 0.73 14.73 -15.45
C PHE A 117 0.77 16.23 -15.15
N PHE A 118 0.83 16.58 -13.87
CA PHE A 118 0.99 17.98 -13.45
C PHE A 118 2.09 18.11 -12.40
N GLU A 119 2.68 19.30 -12.34
CA GLU A 119 3.69 19.62 -11.33
C GLU A 119 3.48 21.06 -10.87
N ASP A 120 3.49 21.26 -9.55
CA ASP A 120 3.56 22.62 -9.00
C ASP A 120 4.78 22.75 -8.09
N LYS A 121 4.79 23.78 -7.25
CA LYS A 121 5.87 24.02 -6.29
C LYS A 121 6.22 22.74 -5.53
N GLY A 122 5.22 22.15 -4.87
CA GLY A 122 5.47 21.08 -3.92
C GLY A 122 5.01 19.68 -4.29
N TYR A 123 4.37 19.53 -5.45
CA TYR A 123 3.74 18.24 -5.78
C TYR A 123 3.85 17.79 -7.22
N PHE A 124 3.84 16.46 -7.42
CA PHE A 124 3.58 15.86 -8.70
C PHE A 124 2.20 15.22 -8.65
N TYR A 125 1.46 15.31 -9.75
CA TYR A 125 0.13 14.72 -9.84
C TYR A 125 0.07 13.77 -11.04
N LEU A 126 -0.10 12.48 -10.76
CA LEU A 126 -0.22 11.47 -11.83
C LEU A 126 -1.65 11.02 -11.94
N VAL A 127 -2.29 11.39 -13.05
CA VAL A 127 -3.72 11.22 -13.26
C VAL A 127 -3.96 10.04 -14.20
N GLY A 128 -4.71 9.05 -13.75
CA GLY A 128 -5.00 7.91 -14.58
C GLY A 128 -6.38 7.31 -14.35
N GLU A 129 -6.60 6.18 -15.01
CA GLU A 129 -7.89 5.50 -14.99
C GLU A 129 -8.17 4.92 -13.60
N VAL A 130 -9.43 5.04 -13.18
CA VAL A 130 -9.83 4.49 -11.90
CA VAL A 130 -9.96 4.51 -11.91
C VAL A 130 -10.24 3.02 -12.06
N TYR A 131 -9.77 2.20 -11.11
CA TYR A 131 -10.15 0.80 -11.09
C TYR A 131 -10.89 0.51 -9.77
N THR A 132 -11.94 -0.30 -9.86
CA THR A 132 -12.91 -0.41 -8.75
C THR A 132 -12.93 -1.79 -8.09
N GLY A 133 -12.11 -2.71 -8.60
CA GLY A 133 -12.10 -4.09 -8.12
C GLY A 133 -11.15 -4.37 -6.96
N GLY A 134 -10.44 -3.34 -6.52
CA GLY A 134 -9.49 -3.47 -5.40
C GLY A 134 -8.27 -4.35 -5.68
N GLU A 135 -7.55 -4.67 -4.61
CA GLU A 135 -6.31 -5.42 -4.70
C GLU A 135 -6.59 -6.90 -4.92
N LEU A 136 -5.80 -7.53 -5.79
CA LEU A 136 -5.94 -8.93 -6.15
C LEU A 136 -6.12 -9.91 -4.98
N PHE A 137 -5.23 -9.82 -3.98
CA PHE A 137 -5.19 -10.77 -2.87
C PHE A 137 -6.46 -10.73 -2.01
N ASP A 138 -7.02 -9.53 -1.86
CA ASP A 138 -8.29 -9.32 -1.17
C ASP A 138 -9.45 -10.05 -1.85
N GLU A 139 -9.46 -10.04 -3.19
CA GLU A 139 -10.42 -10.81 -3.95
C GLU A 139 -10.19 -12.32 -3.80
N ILE A 140 -8.93 -12.74 -3.77
CA ILE A 140 -8.59 -14.16 -3.70
C ILE A 140 -9.01 -14.83 -2.39
N ILE A 141 -8.86 -14.12 -1.28
CA ILE A 141 -9.23 -14.64 0.05
C ILE A 141 -10.75 -14.83 0.21
N SER A 142 -11.52 -14.11 -0.60
CA SER A 142 -12.98 -14.26 -0.63
C SER A 142 -13.42 -15.11 -1.83
N ARG A 143 -12.88 -16.32 -1.91
CA ARG A 143 -13.24 -17.25 -2.98
C ARG A 143 -13.58 -18.63 -2.41
N LYS A 144 -14.44 -19.36 -3.10
CA LYS A 144 -14.77 -20.72 -2.71
C LYS A 144 -13.62 -21.67 -3.03
N ARG A 145 -13.22 -21.70 -4.30
CA ARG A 145 -12.11 -22.54 -4.75
C ARG A 145 -11.01 -21.72 -5.41
N PHE A 146 -9.77 -22.21 -5.30
CA PHE A 146 -8.64 -21.63 -5.99
C PHE A 146 -7.72 -22.76 -6.43
N SER A 147 -7.39 -22.78 -7.71
CA SER A 147 -6.59 -23.85 -8.30
C SER A 147 -5.44 -23.29 -9.14
N GLU A 148 -4.59 -24.19 -9.63
CA GLU A 148 -3.48 -23.85 -10.50
C GLU A 148 -3.93 -23.15 -11.78
N VAL A 149 -5.17 -23.40 -12.19
CA VAL A 149 -5.76 -22.73 -13.34
C VAL A 149 -5.96 -21.24 -13.06
N ASP A 150 -6.49 -20.93 -11.87
CA ASP A 150 -6.72 -19.54 -11.46
C ASP A 150 -5.40 -18.78 -11.34
N ALA A 151 -4.41 -19.40 -10.70
CA ALA A 151 -3.10 -18.79 -10.51
C ALA A 151 -2.40 -18.56 -11.85
N ALA A 152 -2.47 -19.54 -12.74
CA ALA A 152 -1.88 -19.40 -14.08
C ALA A 152 -2.51 -18.26 -14.89
N ARG A 153 -3.83 -18.12 -14.80
CA ARG A 153 -4.52 -17.02 -15.48
C ARG A 153 -4.08 -15.69 -14.92
N ILE A 154 -3.89 -15.63 -13.61
CA ILE A 154 -3.34 -14.44 -12.94
C ILE A 154 -1.93 -14.14 -13.41
N ILE A 155 -1.03 -15.12 -13.33
CA ILE A 155 0.38 -14.93 -13.67
C ILE A 155 0.57 -14.55 -15.14
N ARG A 156 -0.21 -15.17 -16.04
CA ARG A 156 -0.18 -14.84 -17.47
CA ARG A 156 -0.17 -14.84 -17.47
C ARG A 156 -0.37 -13.34 -17.67
N GLN A 157 -1.39 -12.78 -17.02
CA GLN A 157 -1.72 -11.35 -17.11
C GLN A 157 -0.56 -10.49 -16.64
N VAL A 158 -0.02 -10.80 -15.47
CA VAL A 158 1.14 -10.08 -14.91
C VAL A 158 2.31 -10.12 -15.90
N LEU A 159 2.64 -11.34 -16.37
CA LEU A 159 3.75 -11.52 -17.30
C LEU A 159 3.55 -10.78 -18.59
N SER A 160 2.32 -10.80 -19.09
CA SER A 160 1.97 -10.12 -20.33
C SER A 160 2.19 -8.60 -20.18
N GLY A 161 1.72 -8.05 -19.07
CA GLY A 161 1.92 -6.62 -18.78
C GLY A 161 3.40 -6.27 -18.64
N ILE A 162 4.13 -7.10 -17.89
CA ILE A 162 5.57 -6.93 -17.69
C ILE A 162 6.37 -7.00 -19.00
N THR A 163 6.09 -8.03 -19.80
CA THR A 163 6.70 -8.20 -21.13
C THR A 163 6.55 -6.93 -21.97
N TYR A 164 5.33 -6.42 -22.02
CA TYR A 164 5.05 -5.21 -22.78
C TYR A 164 5.90 -4.04 -22.30
N MET A 165 5.98 -3.84 -20.99
CA MET A 165 6.72 -2.70 -20.45
CA MET A 165 6.73 -2.71 -20.42
C MET A 165 8.23 -2.88 -20.62
N HIS A 166 8.73 -4.11 -20.56
CA HIS A 166 10.16 -4.38 -20.76
C HIS A 166 10.59 -4.10 -22.20
N LYS A 167 9.70 -4.37 -23.15
CA LYS A 167 9.91 -4.00 -24.56
C LYS A 167 10.11 -2.50 -24.72
N ASN A 168 9.47 -1.73 -23.84
CA ASN A 168 9.57 -0.27 -23.86
C ASN A 168 10.62 0.27 -22.87
N LYS A 169 11.48 -0.62 -22.38
CA LYS A 169 12.61 -0.28 -21.51
C LYS A 169 12.19 0.32 -20.15
N ILE A 170 11.09 -0.17 -19.59
CA ILE A 170 10.60 0.33 -18.31
C ILE A 170 10.56 -0.84 -17.34
N VAL A 171 11.20 -0.64 -16.19
CA VAL A 171 11.30 -1.70 -15.17
C VAL A 171 10.44 -1.26 -13.97
N HIS A 172 9.70 -2.18 -13.36
CA HIS A 172 8.92 -1.86 -12.18
C HIS A 172 9.81 -1.73 -10.93
N ARG A 173 10.60 -2.79 -10.65
CA ARG A 173 11.54 -2.84 -9.54
C ARG A 173 10.91 -3.07 -8.14
N ASP A 174 9.64 -2.70 -7.96
CA ASP A 174 8.95 -2.82 -6.66
C ASP A 174 7.68 -3.65 -6.74
N LEU A 175 7.68 -4.67 -7.59
CA LEU A 175 6.46 -5.39 -7.89
C LEU A 175 6.02 -6.26 -6.71
N LYS A 176 4.77 -6.10 -6.31
CA LYS A 176 4.22 -6.85 -5.19
C LYS A 176 2.70 -6.98 -5.34
N PRO A 177 2.05 -7.87 -4.55
CA PRO A 177 0.61 -8.10 -4.63
C PRO A 177 -0.22 -6.81 -4.63
N GLU A 178 0.12 -5.84 -3.78
CA GLU A 178 -0.66 -4.59 -3.74
C GLU A 178 -0.56 -3.75 -5.01
N ASN A 179 0.42 -4.04 -5.88
CA ASN A 179 0.55 -3.39 -7.17
C ASN A 179 -0.37 -3.97 -8.23
N LEU A 180 -1.13 -4.98 -7.84
CA LEU A 180 -2.02 -5.68 -8.75
C LEU A 180 -3.48 -5.37 -8.41
N LEU A 181 -4.08 -4.47 -9.18
CA LEU A 181 -5.49 -4.12 -9.03
C LEU A 181 -6.37 -4.87 -10.01
N LEU A 182 -7.59 -5.17 -9.60
CA LEU A 182 -8.58 -5.71 -10.54
C LEU A 182 -9.40 -4.57 -11.12
N GLU A 183 -9.65 -4.64 -12.42
CA GLU A 183 -10.28 -3.55 -13.17
C GLU A 183 -11.69 -3.23 -12.68
N SER A 184 -12.43 -4.28 -12.32
CA SER A 184 -13.78 -4.12 -11.80
C SER A 184 -14.12 -5.20 -10.77
N LYS A 185 -15.32 -5.11 -10.21
CA LYS A 185 -15.83 -6.05 -9.21
C LYS A 185 -16.19 -7.39 -9.85
N SER A 186 -16.22 -7.42 -11.19
CA SER A 186 -16.52 -8.63 -11.96
C SER A 186 -15.55 -9.76 -11.65
N LYS A 187 -16.01 -11.00 -11.79
CA LYS A 187 -15.20 -12.18 -11.46
C LYS A 187 -14.16 -12.50 -12.53
N ASP A 188 -14.41 -12.03 -13.76
CA ASP A 188 -13.51 -12.25 -14.89
C ASP A 188 -12.55 -11.08 -15.14
N ALA A 189 -12.68 -10.04 -14.32
CA ALA A 189 -12.03 -8.74 -14.56
C ALA A 189 -10.49 -8.79 -14.59
N ASN A 190 -9.92 -8.03 -15.53
CA ASN A 190 -8.47 -7.96 -15.74
C ASN A 190 -7.67 -7.34 -14.60
N ILE A 191 -6.43 -7.81 -14.47
CA ILE A 191 -5.47 -7.25 -13.51
C ILE A 191 -4.75 -6.06 -14.15
N ARG A 192 -4.72 -4.94 -13.43
CA ARG A 192 -3.98 -3.76 -13.83
C ARG A 192 -2.81 -3.57 -12.88
N ILE A 193 -1.59 -3.60 -13.42
CA ILE A 193 -0.38 -3.31 -12.63
C ILE A 193 -0.24 -1.81 -12.47
N ILE A 194 -0.12 -1.34 -11.24
CA ILE A 194 0.08 0.07 -10.97
C ILE A 194 1.53 0.38 -10.62
N ASP A 195 1.92 1.64 -10.83
CA ASP A 195 3.22 2.19 -10.41
C ASP A 195 4.46 1.89 -11.29
N PHE A 196 4.25 1.28 -12.47
CA PHE A 196 5.38 1.09 -13.40
C PHE A 196 6.07 2.42 -13.67
N GLY A 197 7.38 2.46 -13.48
CA GLY A 197 8.17 3.64 -13.84
C GLY A 197 8.45 4.63 -12.72
N LEU A 198 7.86 4.40 -11.54
CA LEU A 198 8.06 5.31 -10.40
C LEU A 198 9.40 5.12 -9.69
N SER A 199 9.78 3.87 -9.44
CA SER A 199 10.97 3.58 -8.65
C SER A 199 12.26 3.98 -9.37
N THR A 200 12.15 4.20 -10.68
CA THR A 200 13.27 4.68 -11.47
C THR A 200 13.52 6.16 -11.19
N HIS A 201 12.45 6.92 -10.91
CA HIS A 201 12.59 8.37 -10.73
C HIS A 201 12.52 8.85 -9.30
N PHE A 202 12.08 7.99 -8.39
CA PHE A 202 11.91 8.38 -7.00
C PHE A 202 12.54 7.37 -6.05
N GLU A 203 13.26 7.90 -5.06
CA GLU A 203 13.94 7.07 -4.06
C GLU A 203 12.94 6.42 -3.10
N ALA A 204 13.11 5.12 -2.86
CA ALA A 204 12.22 4.36 -1.99
C ALA A 204 12.30 4.87 -0.55
N SER A 205 11.14 5.07 0.07
CA SER A 205 11.08 5.53 1.46
C SER A 205 11.81 4.58 2.41
N LYS A 206 12.36 5.16 3.47
CA LYS A 206 13.06 4.40 4.49
C LYS A 206 12.18 4.15 5.72
N LYS A 207 11.03 4.82 5.77
CA LYS A 207 10.10 4.69 6.89
C LYS A 207 9.39 3.34 6.83
N MET A 208 9.41 2.61 7.94
CA MET A 208 8.79 1.29 8.00
C MET A 208 7.32 1.31 7.60
N LYS A 209 6.63 2.43 7.86
CA LYS A 209 5.23 2.62 7.46
C LYS A 209 5.07 2.41 5.95
N ASP A 210 6.07 2.83 5.20
CA ASP A 210 6.08 2.71 3.74
C ASP A 210 6.76 1.42 3.25
N LYS A 211 7.66 0.87 4.06
CA LYS A 211 8.42 -0.33 3.69
C LYS A 211 7.67 -1.64 3.91
N ILE A 212 6.54 -1.58 4.62
CA ILE A 212 5.78 -2.78 5.00
C ILE A 212 5.55 -3.76 3.86
N GLY A 213 6.09 -4.95 4.02
CA GLY A 213 5.82 -6.04 3.09
C GLY A 213 6.61 -5.99 1.80
N THR A 214 7.54 -5.05 1.68
CA THR A 214 8.38 -4.96 0.47
C THR A 214 9.48 -6.01 0.42
N ALA A 215 10.02 -6.38 1.58
CA ALA A 215 11.18 -7.25 1.66
C ALA A 215 10.99 -8.62 1.03
N TYR A 216 9.76 -9.16 1.10
CA TYR A 216 9.49 -10.48 0.55
C TYR A 216 9.75 -10.58 -0.95
N TYR A 217 9.59 -9.49 -1.68
CA TYR A 217 9.46 -9.51 -3.14
C TYR A 217 10.68 -9.01 -3.89
N ILE A 218 11.59 -8.35 -3.18
CA ILE A 218 12.75 -7.69 -3.81
C ILE A 218 13.80 -8.72 -4.28
N ALA A 219 14.25 -8.58 -5.52
CA ALA A 219 15.29 -9.47 -6.09
C ALA A 219 16.62 -9.16 -5.41
N PRO A 220 17.46 -10.19 -5.20
CA PRO A 220 18.75 -10.04 -4.52
C PRO A 220 19.63 -8.98 -5.18
N GLU A 221 19.60 -8.89 -6.51
CA GLU A 221 20.48 -7.97 -7.20
C GLU A 221 20.04 -6.51 -7.07
N VAL A 222 18.77 -6.29 -6.72
CA VAL A 222 18.33 -4.93 -6.36
C VAL A 222 19.02 -4.50 -5.06
N LEU A 223 19.13 -5.41 -4.10
CA LEU A 223 19.84 -5.14 -2.85
C LEU A 223 21.29 -4.71 -3.09
N HIS A 224 21.93 -5.31 -4.09
CA HIS A 224 23.37 -5.08 -4.40
C HIS A 224 23.65 -3.95 -5.38
N GLY A 225 22.61 -3.38 -5.97
CA GLY A 225 22.79 -2.21 -6.83
C GLY A 225 22.84 -2.46 -8.34
N THR A 226 23.25 -3.65 -8.77
CA THR A 226 23.28 -3.98 -10.18
C THR A 226 22.05 -4.79 -10.58
N TYR A 227 21.03 -4.10 -11.10
CA TYR A 227 19.80 -4.76 -11.53
C TYR A 227 19.29 -4.25 -12.88
N ASP A 228 18.50 -5.10 -13.53
CA ASP A 228 17.84 -4.77 -14.79
C ASP A 228 16.39 -5.28 -14.75
N GLU A 229 15.81 -5.52 -15.92
CA GLU A 229 14.41 -5.95 -16.03
C GLU A 229 14.11 -7.34 -15.43
N LYS A 230 15.12 -8.18 -15.30
CA LYS A 230 14.93 -9.51 -14.70
C LYS A 230 14.44 -9.47 -13.25
N CYS A 231 14.67 -8.35 -12.58
CA CYS A 231 14.24 -8.23 -11.18
C CYS A 231 12.71 -8.36 -11.06
N ASP A 232 11.98 -7.93 -12.08
CA ASP A 232 10.52 -8.06 -12.15
C ASP A 232 10.07 -9.52 -12.31
N VAL A 233 10.88 -10.34 -12.97
CA VAL A 233 10.59 -11.76 -13.09
C VAL A 233 10.76 -12.41 -11.72
N TRP A 234 11.83 -12.03 -11.00
CA TRP A 234 12.02 -12.55 -9.65
C TRP A 234 10.80 -12.28 -8.76
N SER A 235 10.35 -11.03 -8.74
CA SER A 235 9.23 -10.63 -7.89
C SER A 235 7.95 -11.40 -8.26
N THR A 236 7.72 -11.56 -9.56
CA THR A 236 6.58 -12.35 -10.06
C THR A 236 6.68 -13.83 -9.66
N GLY A 237 7.91 -14.35 -9.67
CA GLY A 237 8.19 -15.68 -9.11
C GLY A 237 7.83 -15.79 -7.64
N VAL A 238 8.15 -14.76 -6.85
CA VAL A 238 7.78 -14.76 -5.43
C VAL A 238 6.24 -14.76 -5.27
N ILE A 239 5.57 -13.91 -6.05
CA ILE A 239 4.10 -13.84 -6.06
C ILE A 239 3.45 -15.19 -6.47
N LEU A 240 3.96 -15.80 -7.53
CA LEU A 240 3.50 -17.15 -7.93
C LEU A 240 3.66 -18.16 -6.78
N TYR A 241 4.83 -18.17 -6.14
CA TYR A 241 5.08 -19.05 -5.01
C TYR A 241 4.03 -18.90 -3.91
N ILE A 242 3.65 -17.65 -3.64
CA ILE A 242 2.68 -17.35 -2.60
C ILE A 242 1.28 -17.76 -3.03
N LEU A 243 0.95 -17.49 -4.29
CA LEU A 243 -0.32 -17.93 -4.87
C LEU A 243 -0.57 -19.44 -4.78
N LEU A 244 0.49 -20.23 -4.82
CA LEU A 244 0.36 -21.69 -4.83
C LEU A 244 0.55 -22.35 -3.46
N SER A 245 1.04 -21.61 -2.47
CA SER A 245 1.29 -22.16 -1.14
C SER A 245 0.76 -21.30 0.01
N GLY A 246 0.48 -20.03 -0.24
CA GLY A 246 0.08 -19.10 0.81
C GLY A 246 1.19 -18.62 1.75
N CYS A 247 2.43 -18.97 1.44
CA CYS A 247 3.58 -18.57 2.26
C CYS A 247 4.70 -17.97 1.40
N PRO A 248 5.36 -16.89 1.87
CA PRO A 248 6.50 -16.35 1.12
C PRO A 248 7.68 -17.32 1.10
N PRO A 249 8.40 -17.41 -0.03
CA PRO A 249 9.54 -18.33 -0.13
C PRO A 249 10.71 -17.90 0.76
N PHE A 250 10.89 -16.58 0.91
CA PHE A 250 11.89 -16.04 1.82
C PHE A 250 11.17 -15.32 2.96
N ASN A 251 11.26 -15.91 4.15
CA ASN A 251 10.53 -15.42 5.31
C ASN A 251 11.49 -15.20 6.48
N GLY A 252 10.99 -14.54 7.51
CA GLY A 252 11.77 -14.25 8.70
C GLY A 252 10.93 -13.48 9.71
N ALA A 253 11.48 -13.32 10.91
CA ALA A 253 10.78 -12.69 12.02
C ALA A 253 10.80 -11.15 11.97
N ASN A 254 11.61 -10.59 11.06
CA ASN A 254 11.70 -9.14 10.89
C ASN A 254 12.25 -8.78 9.50
N GLU A 255 12.23 -7.50 9.15
CA GLU A 255 12.70 -7.06 7.83
C GLU A 255 14.11 -7.56 7.51
N TYR A 256 15.07 -7.27 8.38
CA TYR A 256 16.45 -7.63 8.07
C TYR A 256 16.60 -9.14 7.90
N ASP A 257 15.89 -9.91 8.71
CA ASP A 257 15.90 -11.38 8.61
C ASP A 257 15.40 -11.89 7.25
N ILE A 258 14.38 -11.22 6.69
CA ILE A 258 13.85 -11.58 5.37
C ILE A 258 14.89 -11.26 4.29
N LEU A 259 15.46 -10.04 4.33
CA LEU A 259 16.52 -9.64 3.39
C LEU A 259 17.74 -10.58 3.36
N LYS A 260 18.09 -11.12 4.53
N LYS A 260 18.10 -11.14 4.52
CA LYS A 260 19.20 -12.08 4.67
CA LYS A 260 19.23 -12.07 4.61
C LYS A 260 18.93 -13.33 3.85
C LYS A 260 18.96 -13.39 3.90
N LYS A 261 17.72 -13.87 4.00
CA LYS A 261 17.28 -15.06 3.26
C LYS A 261 17.23 -14.80 1.76
N VAL A 262 16.78 -13.61 1.37
CA VAL A 262 16.70 -13.21 -0.04
C VAL A 262 18.11 -13.19 -0.62
N GLU A 263 19.01 -12.48 0.07
CA GLU A 263 20.41 -12.38 -0.35
C GLU A 263 21.07 -13.76 -0.52
N LYS A 264 20.69 -14.71 0.31
CA LYS A 264 21.24 -16.05 0.23
C LYS A 264 20.65 -16.79 -0.96
N GLY A 265 19.38 -16.55 -1.23
CA GLY A 265 18.72 -17.04 -2.44
C GLY A 265 18.11 -18.43 -2.35
N LYS A 266 18.15 -19.03 -1.16
CA LYS A 266 17.67 -20.41 -0.97
C LYS A 266 16.24 -20.48 -0.45
N TYR A 267 15.50 -21.46 -0.96
CA TYR A 267 14.09 -21.66 -0.63
C TYR A 267 13.76 -23.12 -0.99
N THR A 268 12.68 -23.66 -0.43
CA THR A 268 12.32 -25.04 -0.71
C THR A 268 10.83 -25.17 -1.06
N PHE A 269 10.47 -26.32 -1.62
CA PHE A 269 9.07 -26.71 -1.79
C PHE A 269 8.70 -27.78 -0.76
N GLU A 270 9.24 -27.66 0.45
CA GLU A 270 9.10 -28.67 1.50
C GLU A 270 7.73 -28.67 2.17
N LEU A 271 7.10 -27.50 2.27
CA LEU A 271 5.79 -27.38 2.89
C LEU A 271 4.76 -28.34 2.27
N PRO A 272 3.98 -29.05 3.12
CA PRO A 272 3.00 -30.06 2.72
C PRO A 272 2.14 -29.69 1.52
N GLN A 273 1.66 -28.44 1.47
CA GLN A 273 0.75 -28.02 0.39
C GLN A 273 1.36 -28.06 -1.02
N TRP A 274 2.68 -28.14 -1.11
CA TRP A 274 3.37 -28.31 -2.39
C TRP A 274 3.18 -29.70 -3.00
N LYS A 275 2.71 -30.65 -2.20
CA LYS A 275 2.48 -32.02 -2.67
C LYS A 275 1.38 -32.05 -3.71
N LYS A 276 0.39 -31.18 -3.54
CA LYS A 276 -0.76 -31.09 -4.44
C LYS A 276 -0.54 -30.13 -5.61
N VAL A 277 0.71 -29.82 -5.92
CA VAL A 277 1.05 -28.85 -6.97
C VAL A 277 1.90 -29.50 -8.07
N SER A 278 1.56 -29.19 -9.32
CA SER A 278 2.23 -29.77 -10.49
C SER A 278 3.75 -29.54 -10.50
N GLU A 279 4.46 -30.40 -11.23
CA GLU A 279 5.90 -30.30 -11.37
C GLU A 279 6.29 -29.15 -12.31
N SER A 280 5.44 -28.88 -13.30
CA SER A 280 5.69 -27.79 -14.24
C SER A 280 5.58 -26.39 -13.59
N ALA A 281 4.69 -26.24 -12.61
CA ALA A 281 4.60 -25.00 -11.83
C ALA A 281 5.90 -24.76 -11.05
N LYS A 282 6.35 -25.80 -10.34
CA LYS A 282 7.58 -25.75 -9.55
C LYS A 282 8.79 -25.48 -10.44
N ASP A 283 8.75 -26.00 -11.66
CA ASP A 283 9.84 -25.79 -12.61
C ASP A 283 9.92 -24.33 -13.04
N LEU A 284 8.76 -23.72 -13.33
CA LEU A 284 8.72 -22.31 -13.70
C LEU A 284 9.21 -21.44 -12.54
N ILE A 285 8.76 -21.76 -11.34
CA ILE A 285 9.21 -21.04 -10.15
C ILE A 285 10.74 -21.07 -10.03
N ARG A 286 11.34 -22.26 -10.20
CA ARG A 286 12.79 -22.40 -10.14
C ARG A 286 13.49 -21.48 -11.13
N LYS A 287 12.97 -21.41 -12.36
CA LYS A 287 13.52 -20.56 -13.39
C LYS A 287 13.33 -19.06 -13.08
N MET A 288 12.23 -18.72 -12.44
CA MET A 288 11.95 -17.30 -12.14
C MET A 288 12.76 -16.85 -10.93
N LEU A 289 12.99 -17.77 -10.01
CA LEU A 289 13.75 -17.50 -8.79
C LEU A 289 15.19 -17.95 -8.95
N THR A 290 15.72 -17.79 -10.16
CA THR A 290 17.11 -18.10 -10.42
C THR A 290 17.94 -16.90 -9.98
N TYR A 291 18.98 -17.19 -9.21
CA TYR A 291 19.79 -16.17 -8.56
C TYR A 291 20.47 -15.20 -9.53
N VAL A 292 21.27 -15.72 -10.46
CA VAL A 292 21.95 -14.86 -11.43
C VAL A 292 20.96 -14.41 -12.51
N PRO A 293 20.74 -13.08 -12.64
CA PRO A 293 19.73 -12.53 -13.54
C PRO A 293 19.92 -12.95 -15.00
N SER A 294 21.16 -13.08 -15.44
CA SER A 294 21.46 -13.55 -16.80
C SER A 294 21.02 -15.00 -17.03
N MET A 295 20.92 -15.79 -15.96
CA MET A 295 20.46 -17.17 -16.04
CA MET A 295 20.46 -17.17 -16.06
C MET A 295 18.96 -17.29 -15.78
N ARG A 296 18.34 -16.17 -15.39
CA ARG A 296 16.93 -16.15 -15.06
C ARG A 296 16.13 -16.05 -16.34
N ILE A 297 15.02 -16.78 -16.39
CA ILE A 297 14.07 -16.71 -17.50
C ILE A 297 13.54 -15.28 -17.67
N SER A 298 13.36 -14.85 -18.92
CA SER A 298 12.76 -13.54 -19.21
C SER A 298 11.24 -13.58 -18.98
N ALA A 299 10.62 -12.41 -18.87
CA ALA A 299 9.15 -12.34 -18.82
C ALA A 299 8.53 -13.04 -20.04
N ARG A 300 9.06 -12.73 -21.22
CA ARG A 300 8.54 -13.29 -22.48
C ARG A 300 8.62 -14.83 -22.54
N ASP A 301 9.78 -15.41 -22.18
CA ASP A 301 9.92 -16.87 -22.16
C ASP A 301 9.10 -17.56 -21.09
N ALA A 302 8.76 -16.83 -20.01
CA ALA A 302 7.89 -17.38 -18.98
C ALA A 302 6.47 -17.58 -19.51
N LEU A 303 6.05 -16.66 -20.38
CA LEU A 303 4.78 -16.79 -21.09
C LEU A 303 4.65 -18.06 -21.91
N ASP A 304 5.77 -18.56 -22.43
CA ASP A 304 5.76 -19.76 -23.26
C ASP A 304 5.95 -21.07 -22.49
N HIS A 305 6.22 -20.96 -21.18
CA HIS A 305 6.54 -22.12 -20.37
C HIS A 305 5.38 -23.10 -20.30
N GLU A 306 5.71 -24.38 -20.32
CA GLU A 306 4.77 -25.49 -20.19
C GLU A 306 3.62 -25.20 -19.24
N TRP A 307 3.93 -24.66 -18.06
CA TRP A 307 2.91 -24.41 -17.04
C TRP A 307 1.87 -23.36 -17.45
N ILE A 308 2.33 -22.25 -18.02
CA ILE A 308 1.40 -21.20 -18.48
C ILE A 308 0.55 -21.74 -19.63
N GLN A 309 1.18 -22.53 -20.51
CA GLN A 309 0.50 -23.10 -21.68
C GLN A 309 -0.59 -24.10 -21.30
N THR A 310 -0.29 -24.98 -20.36
CA THR A 310 -1.20 -26.07 -19.99
C THR A 310 -2.40 -25.59 -19.18
N TYR A 311 -2.16 -24.73 -18.20
CA TYR A 311 -3.19 -24.35 -17.23
C TYR A 311 -4.00 -23.11 -17.63
N THR A 312 -3.61 -22.46 -18.72
CA THR A 312 -4.44 -21.42 -19.33
C THR A 312 -5.01 -21.87 -20.69
N LYS A 313 -4.96 -23.18 -20.94
CA LYS A 313 -5.46 -23.77 -22.19
C LYS A 313 -6.99 -23.81 -22.19
N ASP A 319 -10.80 -31.28 -13.78
CA ASP A 319 -9.63 -32.15 -13.81
C ASP A 319 -8.45 -31.59 -13.02
N VAL A 320 -8.68 -30.47 -12.33
CA VAL A 320 -7.67 -29.84 -11.47
C VAL A 320 -8.23 -29.58 -10.05
N PRO A 321 -7.52 -30.06 -9.02
CA PRO A 321 -8.01 -29.91 -7.64
C PRO A 321 -7.90 -28.49 -7.11
N SER A 322 -8.59 -28.21 -6.01
CA SER A 322 -8.56 -26.90 -5.38
C SER A 322 -7.55 -26.86 -4.23
N LEU A 323 -6.67 -25.87 -4.29
CA LEU A 323 -5.63 -25.67 -3.29
C LEU A 323 -6.26 -24.99 -2.07
N ASP A 324 -6.90 -25.79 -1.22
CA ASP A 324 -7.60 -25.29 -0.02
C ASP A 324 -6.66 -24.76 1.05
N ASN A 325 -5.53 -25.44 1.23
CA ASN A 325 -4.51 -25.02 2.19
C ASN A 325 -3.94 -23.65 1.81
N ALA A 326 -3.65 -23.46 0.53
CA ALA A 326 -3.12 -22.20 0.00
C ALA A 326 -4.05 -21.00 0.24
N ILE A 327 -5.35 -21.20 0.00
CA ILE A 327 -6.36 -20.17 0.29
C ILE A 327 -6.36 -19.82 1.78
N LEU A 328 -6.22 -20.83 2.62
CA LEU A 328 -6.20 -20.64 4.07
C LEU A 328 -4.95 -19.89 4.53
N ASN A 329 -3.82 -20.22 3.92
CA ASN A 329 -2.55 -19.57 4.24
C ASN A 329 -2.44 -18.13 3.72
N ILE A 330 -2.99 -17.89 2.53
CA ILE A 330 -3.01 -16.53 1.96
C ILE A 330 -3.90 -15.62 2.80
N ARG A 331 -5.03 -16.16 3.27
CA ARG A 331 -5.96 -15.41 4.12
C ARG A 331 -5.27 -15.00 5.41
N GLN A 332 -4.54 -15.93 6.01
CA GLN A 332 -3.72 -15.63 7.19
C GLN A 332 -2.61 -14.61 6.87
N PHE A 333 -1.86 -14.88 5.80
CA PHE A 333 -0.80 -13.97 5.34
C PHE A 333 -1.33 -12.54 5.19
N GLN A 334 -2.42 -12.39 4.43
CA GLN A 334 -3.00 -11.08 4.11
C GLN A 334 -3.47 -10.33 5.35
N GLY A 335 -4.18 -11.05 6.22
CA GLY A 335 -4.67 -10.47 7.48
C GLY A 335 -3.55 -9.94 8.34
N THR A 336 -2.51 -10.77 8.49
CA THR A 336 -1.28 -10.40 9.19
C THR A 336 -0.65 -9.11 8.62
N GLN A 337 -0.46 -9.07 7.29
CA GLN A 337 0.16 -7.91 6.61
C GLN A 337 -0.67 -6.65 6.78
N LYS A 338 -1.99 -6.79 6.71
CA LYS A 338 -2.87 -5.63 6.79
C LYS A 338 -3.04 -5.05 8.20
N LEU A 339 -3.01 -5.91 9.21
CA LEU A 339 -3.05 -5.44 10.60
C LEU A 339 -1.74 -4.71 10.99
N ALA A 340 -0.60 -5.36 10.73
CA ALA A 340 0.71 -4.68 10.85
C ALA A 340 0.73 -3.31 10.15
N GLN A 341 0.15 -3.25 8.95
CA GLN A 341 0.10 -2.01 8.18
C GLN A 341 -0.81 -0.96 8.86
N ALA A 342 -2.02 -1.38 9.20
CA ALA A 342 -2.96 -0.53 9.93
C ALA A 342 -2.38 -0.01 11.24
N ALA A 343 -1.66 -0.87 11.96
CA ALA A 343 -1.01 -0.47 13.22
C ALA A 343 0.00 0.66 13.05
N LEU A 344 0.85 0.54 12.03
CA LEU A 344 1.87 1.57 11.77
C LEU A 344 1.26 2.87 11.27
N LEU A 345 0.23 2.75 10.43
CA LEU A 345 -0.47 3.92 9.93
C LEU A 345 -1.24 4.64 11.02
N TYR A 346 -1.82 3.87 11.94
CA TYR A 346 -2.53 4.41 13.10
C TYR A 346 -1.59 5.22 13.99
N MET A 347 -0.41 4.65 14.28
CA MET A 347 0.59 5.36 15.08
C MET A 347 1.03 6.65 14.41
N GLY A 348 1.27 6.59 13.09
CA GLY A 348 1.68 7.76 12.31
C GLY A 348 0.61 8.85 12.33
N SER A 349 -0.64 8.46 12.11
CA SER A 349 -1.73 9.43 12.12
C SER A 349 -1.86 10.08 13.49
N LYS A 350 -1.67 9.27 14.55
CA LYS A 350 -1.69 9.79 15.91
C LYS A 350 -0.61 10.88 16.11
N LEU A 351 0.60 10.61 15.63
CA LEU A 351 1.67 11.59 15.74
C LEU A 351 1.38 12.83 14.89
N THR A 352 0.93 12.61 13.65
CA THR A 352 0.58 13.70 12.73
C THR A 352 -0.49 14.60 13.34
N SER A 353 -1.50 13.98 13.95
CA SER A 353 -2.57 14.68 14.64
C SER A 353 -2.08 15.52 15.81
N GLN A 354 -1.25 14.93 16.68
CA GLN A 354 -0.67 15.63 17.82
C GLN A 354 0.08 16.88 17.37
N ASP A 355 0.91 16.70 16.33
CA ASP A 355 1.65 17.79 15.70
C ASP A 355 0.69 18.89 15.20
N GLU A 356 -0.31 18.50 14.41
CA GLU A 356 -1.24 19.45 13.79
C GLU A 356 -2.21 20.10 14.78
N THR A 357 -2.62 19.34 15.80
CA THR A 357 -3.50 19.84 16.86
C THR A 357 -2.89 21.05 17.56
N LYS A 358 -1.61 20.93 17.95
CA LYS A 358 -0.89 21.99 18.63
C LYS A 358 -0.69 23.19 17.71
N GLU A 359 -0.34 22.91 16.45
CA GLU A 359 -0.10 23.98 15.49
C GLU A 359 -1.38 24.76 15.19
N LEU A 360 -2.50 24.03 15.09
CA LEU A 360 -3.82 24.64 14.83
C LEU A 360 -4.30 25.45 16.02
N THR A 361 -4.02 24.95 17.22
CA THR A 361 -4.30 25.69 18.44
C THR A 361 -3.49 26.98 18.45
N ALA A 362 -2.21 26.88 18.03
CA ALA A 362 -1.32 28.05 17.97
C ALA A 362 -1.70 29.06 16.89
N ILE A 363 -2.40 28.59 15.85
CA ILE A 363 -2.92 29.50 14.83
C ILE A 363 -4.18 30.20 15.32
N PHE A 364 -5.10 29.44 15.91
CA PHE A 364 -6.35 30.00 16.43
C PHE A 364 -6.17 30.91 17.65
N HIS A 365 -5.10 30.67 18.42
CA HIS A 365 -4.76 31.54 19.55
C HIS A 365 -4.23 32.89 19.07
N LYS A 366 -3.30 32.87 18.11
CA LYS A 366 -2.76 34.10 17.50
C LYS A 366 -3.84 34.90 16.78
N MET A 367 -4.78 34.19 16.15
CA MET A 367 -5.87 34.82 15.42
CA MET A 367 -5.88 34.82 15.43
C MET A 367 -6.92 35.42 16.36
N ASP A 368 -7.07 34.82 17.55
CA ASP A 368 -8.00 35.31 18.58
C ASP A 368 -7.45 36.59 19.23
N LYS A 369 -7.46 37.68 18.45
CA LYS A 369 -6.86 38.95 18.87
C LYS A 369 -7.77 39.77 19.80
N ASN A 370 -8.67 39.06 20.49
CA ASN A 370 -9.51 39.64 21.52
C ASN A 370 -9.64 38.72 22.75
N GLY A 371 -9.12 37.51 22.61
CA GLY A 371 -8.99 36.56 23.73
C GLY A 371 -10.28 36.16 24.42
N ASP A 372 -11.09 35.36 23.74
CA ASP A 372 -12.36 34.89 24.30
C ASP A 372 -12.55 33.37 24.18
N GLY A 373 -11.77 32.74 23.29
CA GLY A 373 -11.85 31.29 23.07
C GLY A 373 -12.77 30.87 21.94
N GLN A 374 -13.56 31.82 21.43
CA GLN A 374 -14.50 31.56 20.33
C GLN A 374 -14.10 32.32 19.07
N LEU A 375 -14.49 31.79 17.91
CA LEU A 375 -14.21 32.42 16.62
C LEU A 375 -15.39 32.30 15.65
N ASP A 376 -15.38 33.12 14.59
CA ASP A 376 -16.41 33.05 13.55
C ASP A 376 -15.99 32.11 12.41
N ARG A 377 -16.98 31.71 11.60
CA ARG A 377 -16.77 30.78 10.47
C ARG A 377 -15.60 31.18 9.55
N ALA A 378 -15.54 32.46 9.18
CA ALA A 378 -14.49 32.95 8.25
C ALA A 378 -13.08 32.86 8.83
N GLU A 379 -12.98 33.08 10.14
CA GLU A 379 -11.71 33.00 10.87
C GLU A 379 -11.18 31.57 10.86
N LEU A 380 -12.06 30.62 11.23
CA LEU A 380 -11.72 29.20 11.23
C LEU A 380 -11.18 28.74 9.88
N ILE A 381 -11.83 29.18 8.79
CA ILE A 381 -11.41 28.87 7.42
C ILE A 381 -9.99 29.37 7.12
N GLU A 382 -9.76 30.67 7.36
CA GLU A 382 -8.45 31.29 7.15
C GLU A 382 -7.35 30.66 8.03
N GLY A 383 -7.75 30.22 9.23
CA GLY A 383 -6.86 29.50 10.13
C GLY A 383 -6.52 28.11 9.64
N TYR A 384 -7.55 27.38 9.19
CA TYR A 384 -7.37 26.03 8.66
C TYR A 384 -6.52 26.06 7.39
N LYS A 385 -6.73 27.07 6.55
CA LYS A 385 -5.90 27.31 5.36
C LYS A 385 -4.43 27.57 5.73
N GLU A 386 -4.23 28.28 6.83
CA GLU A 386 -2.89 28.53 7.35
C GLU A 386 -2.20 27.23 7.74
N LEU A 387 -2.95 26.34 8.40
CA LEU A 387 -2.42 25.03 8.81
C LEU A 387 -1.86 24.23 7.63
N MET A 388 -2.60 24.17 6.53
CA MET A 388 -2.14 23.47 5.33
C MET A 388 -1.09 24.25 4.55
N ARG A 389 -1.07 25.57 4.71
CA ARG A 389 -0.04 26.42 4.12
C ARG A 389 1.32 26.13 4.77
N MET A 390 1.32 25.80 6.05
CA MET A 390 2.55 25.54 6.82
C MET A 390 2.92 24.05 6.86
N LYS A 391 1.95 23.19 7.16
CA LYS A 391 2.19 21.75 7.34
C LYS A 391 2.15 20.95 6.03
N GLY A 392 1.83 21.61 4.93
CA GLY A 392 1.75 20.95 3.62
C GLY A 392 0.34 20.51 3.27
N GLN A 393 0.03 20.55 1.97
CA GLN A 393 -1.30 20.27 1.44
C GLN A 393 -1.80 18.85 1.75
N ASP A 394 -3.03 18.79 2.26
CA ASP A 394 -3.65 17.52 2.65
C ASP A 394 -4.29 16.83 1.44
N ALA A 395 -4.40 15.51 1.54
CA ALA A 395 -4.97 14.67 0.50
C ALA A 395 -6.37 15.14 0.06
N SER A 396 -7.29 15.24 1.01
CA SER A 396 -8.69 15.60 0.72
C SER A 396 -8.92 17.11 0.55
N MET A 397 -7.86 17.90 0.63
CA MET A 397 -7.96 19.36 0.57
C MET A 397 -7.08 19.91 -0.55
N LEU A 398 -7.44 19.60 -1.80
CA LEU A 398 -6.60 19.98 -2.93
C LEU A 398 -6.62 21.48 -3.26
N ASP A 399 -7.72 22.15 -2.92
CA ASP A 399 -7.81 23.61 -3.13
C ASP A 399 -8.52 24.35 -1.98
N ALA A 400 -8.68 25.66 -2.14
CA ALA A 400 -9.35 26.52 -1.16
C ALA A 400 -10.83 26.17 -0.96
N SER A 401 -11.46 25.65 -2.02
CA SER A 401 -12.86 25.20 -1.96
C SER A 401 -13.03 23.97 -1.08
N ALA A 402 -12.06 23.06 -1.15
CA ALA A 402 -12.06 21.84 -0.35
C ALA A 402 -11.97 22.15 1.16
N VAL A 403 -11.21 23.18 1.51
CA VAL A 403 -11.03 23.59 2.91
C VAL A 403 -12.31 24.23 3.45
N GLU A 404 -12.87 25.17 2.67
CA GLU A 404 -14.14 25.82 3.00
C GLU A 404 -15.18 24.75 3.33
N HIS A 405 -15.26 23.75 2.45
CA HIS A 405 -16.19 22.64 2.62
C HIS A 405 -15.92 21.85 3.87
N GLU A 406 -14.65 21.52 4.11
CA GLU A 406 -14.27 20.74 5.29
C GLU A 406 -14.64 21.47 6.59
N VAL A 407 -14.34 22.76 6.65
CA VAL A 407 -14.74 23.57 7.81
C VAL A 407 -16.25 23.45 8.08
N ASP A 408 -17.06 23.55 7.03
CA ASP A 408 -18.52 23.43 7.13
C ASP A 408 -18.98 22.05 7.59
N GLN A 409 -18.22 21.01 7.22
CA GLN A 409 -18.51 19.66 7.72
C GLN A 409 -18.26 19.56 9.22
N VAL A 410 -17.19 20.21 9.69
CA VAL A 410 -16.87 20.24 11.11
C VAL A 410 -17.93 21.04 11.86
N LEU A 411 -18.28 22.21 11.32
CA LEU A 411 -19.26 23.11 11.93
C LEU A 411 -20.67 22.52 12.00
N ASP A 412 -21.04 21.70 11.02
CA ASP A 412 -22.33 21.01 11.04
C ASP A 412 -22.44 19.97 12.17
N ALA A 413 -21.29 19.55 12.70
CA ALA A 413 -21.23 18.62 13.82
C ALA A 413 -21.18 19.35 15.17
N VAL A 414 -20.48 20.50 15.20
CA VAL A 414 -20.29 21.28 16.43
C VAL A 414 -21.58 22.00 16.90
N ASP A 415 -22.64 21.90 16.08
CA ASP A 415 -23.95 22.51 16.35
C ASP A 415 -23.90 24.02 16.52
N GLU A 423 -16.28 28.21 20.33
CA GLU A 423 -15.19 27.65 21.11
C GLU A 423 -14.22 26.89 20.20
N TYR A 424 -13.13 27.56 19.80
CA TYR A 424 -12.21 27.01 18.79
C TYR A 424 -11.53 25.69 19.19
N SER A 425 -11.41 25.47 20.50
CA SER A 425 -10.86 24.23 21.03
C SER A 425 -11.70 23.02 20.62
N GLU A 426 -13.02 23.19 20.59
CA GLU A 426 -13.94 22.14 20.17
C GLU A 426 -13.92 21.93 18.65
N PHE A 427 -13.62 22.99 17.91
CA PHE A 427 -13.42 22.88 16.46
C PHE A 427 -12.20 22.01 16.14
N VAL A 428 -11.08 22.33 16.80
CA VAL A 428 -9.84 21.58 16.67
C VAL A 428 -10.06 20.08 16.94
N THR A 429 -10.75 19.78 18.04
CA THR A 429 -11.03 18.39 18.42
C THR A 429 -11.73 17.62 17.31
N VAL A 430 -12.87 18.14 16.85
CA VAL A 430 -13.65 17.45 15.81
C VAL A 430 -12.86 17.41 14.49
N ALA A 431 -12.20 18.51 14.14
CA ALA A 431 -11.44 18.61 12.89
C ALA A 431 -10.37 17.52 12.79
N MET A 432 -9.55 17.42 13.83
CA MET A 432 -8.48 16.42 13.90
C MET A 432 -9.00 14.98 14.01
N ASP A 433 -10.11 14.81 14.72
N ASP A 433 -10.11 14.79 14.72
CA ASP A 433 -10.81 13.53 14.85
CA ASP A 433 -10.76 13.49 14.81
C ASP A 433 -11.26 13.02 13.47
C ASP A 433 -11.23 13.00 13.44
N ARG A 434 -11.67 13.94 12.61
CA ARG A 434 -12.09 13.63 11.25
C ARG A 434 -10.88 13.29 10.38
N LYS A 435 -9.74 13.89 10.70
CA LYS A 435 -8.46 13.62 10.04
C LYS A 435 -7.96 12.21 10.33
N THR A 436 -8.26 11.71 11.53
CA THR A 436 -7.76 10.41 11.99
C THR A 436 -8.75 9.27 11.74
N LEU A 437 -10.00 9.63 11.44
CA LEU A 437 -11.09 8.65 11.37
C LEU A 437 -10.73 7.41 10.56
N LEU A 438 -10.21 7.60 9.36
CA LEU A 438 -9.89 6.50 8.43
C LEU A 438 -8.77 5.56 8.88
N SER A 439 -7.80 6.08 9.63
CA SER A 439 -6.74 5.23 10.18
C SER A 439 -7.23 4.45 11.40
N ARG A 440 -8.10 5.06 12.21
CA ARG A 440 -8.68 4.40 13.38
C ARG A 440 -9.62 3.25 13.00
N GLU A 441 -10.48 3.48 12.01
CA GLU A 441 -11.41 2.44 11.57
C GLU A 441 -10.71 1.35 10.75
N ARG A 442 -9.68 1.74 10.00
CA ARG A 442 -8.81 0.78 9.32
C ARG A 442 -8.16 -0.16 10.35
N LEU A 443 -7.83 0.38 11.52
CA LEU A 443 -7.24 -0.40 12.62
C LEU A 443 -8.27 -1.37 13.19
N GLU A 444 -9.42 -0.85 13.62
CA GLU A 444 -10.50 -1.72 14.11
C GLU A 444 -10.85 -2.82 13.12
N ARG A 445 -11.01 -2.47 11.84
CA ARG A 445 -11.35 -3.46 10.79
C ARG A 445 -10.28 -4.53 10.55
N ALA A 446 -9.02 -4.11 10.44
CA ALA A 446 -7.92 -5.07 10.30
C ALA A 446 -7.80 -5.96 11.53
N PHE A 447 -8.05 -5.39 12.72
CA PHE A 447 -8.10 -6.19 13.96
C PHE A 447 -9.21 -7.25 13.88
N ARG A 448 -10.42 -6.83 13.46
CA ARG A 448 -11.56 -7.75 13.35
C ARG A 448 -11.31 -8.79 12.25
N MET A 449 -10.67 -8.38 11.16
CA MET A 449 -10.28 -9.28 10.06
C MET A 449 -9.30 -10.36 10.53
N PHE A 450 -8.27 -9.94 11.26
CA PHE A 450 -7.25 -10.85 11.77
C PHE A 450 -7.86 -11.86 12.74
N ASP A 451 -8.76 -11.39 13.59
CA ASP A 451 -9.41 -12.22 14.62
C ASP A 451 -10.52 -13.01 13.94
N SER A 452 -10.13 -14.00 13.14
CA SER A 452 -11.07 -14.74 12.28
C SER A 452 -12.09 -15.58 13.03
N ASP A 453 -11.75 -15.99 14.26
N ASP A 453 -11.77 -16.00 14.25
CA ASP A 453 -12.66 -16.75 15.12
CA ASP A 453 -12.73 -16.75 15.06
C ASP A 453 -13.63 -15.87 15.92
C ASP A 453 -13.60 -15.87 15.96
N ASN A 454 -13.55 -14.55 15.75
CA ASN A 454 -14.35 -13.58 16.53
C ASN A 454 -14.18 -13.76 18.05
N SER A 455 -12.98 -14.08 18.49
CA SER A 455 -12.72 -14.35 19.92
C SER A 455 -12.60 -13.03 20.69
N GLY A 456 -12.33 -11.97 19.96
CA GLY A 456 -12.15 -10.64 20.55
C GLY A 456 -10.73 -10.40 21.00
N LYS A 457 -9.88 -11.42 20.91
CA LYS A 457 -8.52 -11.37 21.44
C LYS A 457 -7.48 -11.81 20.41
N ILE A 458 -6.25 -11.38 20.65
N ILE A 458 -6.25 -11.35 20.59
CA ILE A 458 -5.08 -11.79 19.87
CA ILE A 458 -5.13 -11.91 19.84
C ILE A 458 -4.01 -12.29 20.84
C ILE A 458 -4.03 -12.30 20.82
N SER A 459 -3.46 -13.48 20.58
CA SER A 459 -2.47 -14.07 21.48
C SER A 459 -1.11 -13.34 21.42
N SER A 460 -0.25 -13.63 22.39
N SER A 460 -0.27 -13.63 22.41
CA SER A 460 1.10 -13.08 22.41
CA SER A 460 1.11 -13.14 22.46
C SER A 460 1.95 -13.60 21.25
C SER A 460 1.90 -13.59 21.24
N THR A 461 1.68 -14.83 20.82
CA THR A 461 2.31 -15.41 19.62
C THR A 461 1.91 -14.63 18.37
N GLU A 462 0.61 -14.37 18.22
CA GLU A 462 0.11 -13.56 17.10
C GLU A 462 0.68 -12.14 17.11
N LEU A 463 0.73 -11.53 18.29
CA LEU A 463 1.38 -10.22 18.45
C LEU A 463 2.84 -10.23 17.95
N ALA A 464 3.61 -11.26 18.31
CA ALA A 464 5.01 -11.39 17.86
C ALA A 464 5.11 -11.34 16.35
N THR A 465 4.24 -12.10 15.68
CA THR A 465 4.17 -12.11 14.22
C THR A 465 3.79 -10.74 13.67
N ILE A 466 2.79 -10.08 14.29
CA ILE A 466 2.33 -8.76 13.88
C ILE A 466 3.42 -7.69 14.08
N PHE A 467 4.03 -7.67 15.25
CA PHE A 467 5.08 -6.71 15.52
C PHE A 467 6.36 -6.99 14.72
N GLY A 468 6.66 -8.26 14.48
CA GLY A 468 7.77 -8.67 13.63
C GLY A 468 7.64 -8.16 12.21
N VAL A 469 6.45 -8.30 11.63
CA VAL A 469 6.14 -7.73 10.32
C VAL A 469 6.15 -6.20 10.38
N SER A 470 5.77 -5.63 11.52
CA SER A 470 5.79 -4.17 11.72
C SER A 470 7.19 -3.64 11.96
N ASP A 471 8.14 -4.58 12.13
CA ASP A 471 9.55 -4.27 12.41
C ASP A 471 9.75 -3.48 13.71
N VAL A 472 8.86 -3.72 14.68
CA VAL A 472 8.96 -3.13 16.03
C VAL A 472 9.80 -4.06 16.91
N ASP A 473 10.84 -3.49 17.52
CA ASP A 473 11.77 -4.26 18.36
C ASP A 473 11.03 -5.20 19.32
N SER A 474 11.46 -6.45 19.32
CA SER A 474 10.81 -7.50 20.10
C SER A 474 10.78 -7.20 21.60
N GLU A 475 11.89 -6.70 22.12
CA GLU A 475 12.02 -6.39 23.55
C GLU A 475 11.15 -5.19 23.93
N THR A 476 10.97 -4.26 23.00
CA THR A 476 10.17 -3.05 23.24
C THR A 476 8.66 -3.35 23.33
N TRP A 477 8.13 -4.18 22.43
CA TRP A 477 6.69 -4.47 22.48
C TRP A 477 6.33 -5.43 23.61
N LYS A 478 7.26 -6.35 23.93
CA LYS A 478 7.08 -7.22 25.09
C LYS A 478 6.98 -6.39 26.37
N SER A 479 7.87 -5.40 26.49
CA SER A 479 7.82 -4.42 27.57
C SER A 479 6.45 -3.78 27.64
N VAL A 480 5.99 -3.24 26.51
CA VAL A 480 4.67 -2.61 26.40
C VAL A 480 3.55 -3.60 26.74
N LEU A 481 3.66 -4.84 26.27
CA LEU A 481 2.68 -5.89 26.58
C LEU A 481 2.56 -6.17 28.10
N SER A 482 3.68 -6.09 28.80
CA SER A 482 3.70 -6.30 30.25
C SER A 482 2.90 -5.23 31.00
N GLU A 483 2.99 -3.98 30.55
CA GLU A 483 2.24 -2.89 31.17
C GLU A 483 0.73 -2.98 30.97
N VAL A 484 0.32 -3.53 29.81
N VAL A 484 0.29 -3.51 29.82
CA VAL A 484 -1.08 -3.64 29.45
CA VAL A 484 -1.15 -3.62 29.54
C VAL A 484 -1.72 -4.93 29.97
C VAL A 484 -1.77 -4.96 29.98
N ASP A 485 -1.06 -6.07 29.72
CA ASP A 485 -1.54 -7.39 30.15
C ASP A 485 -0.99 -7.73 31.54
N LYS A 486 -1.42 -6.95 32.55
CA LYS A 486 -1.04 -7.16 33.95
C LYS A 486 -1.53 -8.48 34.54
N ASN A 487 -2.42 -9.14 33.82
CA ASN A 487 -3.08 -10.36 34.30
C ASN A 487 -2.44 -11.64 33.76
N ASN A 488 -1.44 -11.49 32.90
CA ASN A 488 -0.76 -12.64 32.26
C ASN A 488 -1.73 -13.54 31.48
N ASP A 489 -2.70 -12.92 30.83
CA ASP A 489 -3.65 -13.67 29.99
C ASP A 489 -2.95 -14.23 28.76
N GLY A 490 -1.84 -13.59 28.36
CA GLY A 490 -1.13 -13.93 27.13
C GLY A 490 -1.93 -13.54 25.90
N GLU A 491 -2.78 -12.52 26.05
CA GLU A 491 -3.66 -12.04 24.97
C GLU A 491 -4.19 -10.65 25.28
N VAL A 492 -4.52 -9.92 24.22
CA VAL A 492 -5.04 -8.56 24.34
C VAL A 492 -6.35 -8.42 23.55
N ASP A 493 -7.29 -7.64 24.07
CA ASP A 493 -8.46 -7.27 23.29
C ASP A 493 -8.10 -6.03 22.48
N PHE A 494 -9.06 -5.54 21.70
CA PHE A 494 -8.80 -4.43 20.80
C PHE A 494 -8.32 -3.19 21.53
N ASP A 495 -8.96 -2.88 22.66
CA ASP A 495 -8.68 -1.64 23.37
C ASP A 495 -7.28 -1.68 23.97
N GLU A 496 -6.92 -2.85 24.51
CA GLU A 496 -5.57 -3.14 24.97
C GLU A 496 -4.58 -3.02 23.82
N PHE A 497 -4.85 -3.71 22.71
CA PHE A 497 -4.02 -3.59 21.51
C PHE A 497 -3.80 -2.13 21.12
N GLN A 498 -4.87 -1.34 21.16
CA GLN A 498 -4.78 0.09 20.83
C GLN A 498 -3.97 0.89 21.86
N GLN A 499 -4.11 0.57 23.14
CA GLN A 499 -3.26 1.17 24.17
C GLN A 499 -1.77 0.83 23.94
N MET A 500 -1.48 -0.41 23.55
CA MET A 500 -0.11 -0.83 23.22
C MET A 500 0.50 0.07 22.14
N LEU A 501 -0.27 0.36 21.10
CA LEU A 501 0.18 1.20 20.00
C LEU A 501 0.37 2.65 20.42
N LEU A 502 -0.52 3.16 21.26
CA LEU A 502 -0.37 4.52 21.82
C LEU A 502 0.92 4.62 22.65
N LYS A 503 1.20 3.59 23.43
CA LYS A 503 2.45 3.56 24.21
C LYS A 503 3.70 3.48 23.32
N LEU A 504 3.55 2.86 22.14
CA LEU A 504 4.66 2.69 21.20
C LEU A 504 4.89 3.91 20.31
N CYS A 505 4.06 4.94 20.46
CA CYS A 505 4.30 6.21 19.78
C CYS A 505 4.31 7.38 20.76
N GLY A 506 4.86 7.11 21.94
CA GLY A 506 5.16 8.15 22.93
C GLY A 506 3.99 8.62 23.75
N ASN A 507 2.84 7.94 23.62
CA ASN A 507 1.64 8.30 24.37
C ASN A 507 1.30 7.26 25.43
#